data_2X08
#
_entry.id   2X08
#
_cell.length_a   51.000
_cell.length_b   74.490
_cell.length_c   106.470
_cell.angle_alpha   90.00
_cell.angle_beta   90.00
_cell.angle_gamma   90.00
#
_symmetry.space_group_name_H-M   'P 21 21 21'
#
loop_
_entity.id
_entity.type
_entity.pdbx_description
1 polymer 'CYTOCHROME C PEROXIDASE, MITOCHONDRIAL'
2 non-polymer 'ASCORBIC ACID'
3 non-polymer 'PROTOPORPHYRIN IX CONTAINING FE'
4 water water
#
_entity_poly.entity_id   1
_entity_poly.type   'polypeptide(L)'
_entity_poly.pdbx_seq_one_letter_code
;TPLVHVASVEKGRSYEDFQKVYNAIALKLREDDEADNYIGYGPVLVRLAWHTSGTWDKHDNTGGSYGGTYRFKKEFNDPS
NAGLQNGFKFLEPIHKEFPWISSGDLFSLGGVTAVQEMQGPKIPWRCGRVDTPEDTTPDNGRLPDADKDADYVRTFFQRL
NMNDREVVALMGAHALGKTHLKRSGYEGPFGAANNVFTNEFYLNLLNEDWKLEKNDANNEQWDSKSGYMMLPTDYSLIQD
PKYLSIVKEYANDQDRFFKDFSKAFEKLLENGITFPKDAPSPFIFKTLEEQGL
;
_entity_poly.pdbx_strand_id   A
#
loop_
_chem_comp.id
_chem_comp.type
_chem_comp.name
_chem_comp.formula
ASC L-saccharide 'ASCORBIC ACID' 'C6 H8 O6'
HEM non-polymer 'PROTOPORPHYRIN IX CONTAINING FE' 'C34 H32 Fe N4 O4'
#
# COMPACT_ATOMS: atom_id res chain seq x y z
N THR A 1 -3.97 29.47 0.49
CA THR A 1 -3.03 28.30 0.58
C THR A 1 -3.60 27.18 1.46
N PRO A 2 -3.53 25.92 0.95
CA PRO A 2 -3.92 24.67 1.66
C PRO A 2 -3.18 24.47 3.00
N LEU A 3 -3.48 23.37 3.69
CA LEU A 3 -2.80 23.03 4.94
C LEU A 3 -1.31 22.76 4.69
N VAL A 4 -0.52 22.93 5.75
CA VAL A 4 0.90 22.63 5.70
C VAL A 4 1.24 21.64 6.82
N HIS A 5 1.95 20.57 6.47
CA HIS A 5 2.36 19.57 7.43
C HIS A 5 3.83 19.43 7.39
N VAL A 6 4.48 19.92 8.45
CA VAL A 6 5.93 19.86 8.51
C VAL A 6 6.33 18.63 9.29
N ALA A 7 7.18 17.83 8.65
CA ALA A 7 7.78 16.69 9.26
C ALA A 7 8.55 17.16 10.49
N SER A 8 8.24 16.53 11.61
CA SER A 8 8.95 16.74 12.87
C SER A 8 9.43 15.40 13.45
N VAL A 9 10.74 15.19 13.43
CA VAL A 9 11.34 13.93 13.85
C VAL A 9 11.03 13.68 15.35
N GLU A 10 10.47 12.51 15.68
CA GLU A 10 10.27 12.13 17.07
C GLU A 10 11.53 12.46 17.90
N LYS A 11 11.34 13.25 18.97
CA LYS A 11 12.49 13.72 19.77
C LYS A 11 13.54 12.67 20.16
N GLY A 12 14.76 12.93 19.75
CA GLY A 12 15.90 12.11 20.10
C GLY A 12 16.13 10.89 19.22
N ARG A 13 15.27 10.70 18.21
CA ARG A 13 15.33 9.44 17.45
C ARG A 13 16.24 9.53 16.22
N SER A 14 16.90 8.43 15.90
CA SER A 14 17.75 8.36 14.73
C SER A 14 17.42 7.06 13.96
N TYR A 15 18.12 6.82 12.87
CA TYR A 15 17.97 5.60 12.04
C TYR A 15 17.89 4.32 12.87
N GLU A 16 18.85 4.11 13.78
CA GLU A 16 18.88 2.90 14.63
C GLU A 16 17.56 2.66 15.37
N ASP A 17 16.95 3.74 15.89
CA ASP A 17 15.63 3.65 16.53
C ASP A 17 14.58 3.11 15.58
N PHE A 18 14.58 3.61 14.35
CA PHE A 18 13.54 3.18 13.42
C PHE A 18 13.83 1.78 12.87
N GLN A 19 15.11 1.44 12.72
CA GLN A 19 15.49 0.09 12.34
C GLN A 19 14.93 -0.90 13.37
N LYS A 20 14.91 -0.51 14.64
CA LYS A 20 14.27 -1.33 15.68
C LYS A 20 12.78 -1.56 15.45
N VAL A 21 12.06 -0.52 15.08
CA VAL A 21 10.61 -0.65 14.88
C VAL A 21 10.37 -1.56 13.69
N TYR A 22 11.04 -1.27 12.57
CA TYR A 22 11.09 -2.18 11.41
C TYR A 22 11.37 -3.65 11.84
N ASN A 23 12.46 -3.88 12.59
CA ASN A 23 12.85 -5.24 12.94
C ASN A 23 11.73 -5.95 13.72
N ALA A 24 11.09 -5.21 14.63
CA ALA A 24 9.93 -5.72 15.38
C ALA A 24 8.70 -6.08 14.51
N ILE A 25 8.42 -5.26 13.49
CA ILE A 25 7.31 -5.57 12.55
C ILE A 25 7.70 -6.83 11.76
N ALA A 26 8.94 -6.86 11.30
CA ALA A 26 9.49 -7.91 10.48
C ALA A 26 9.48 -9.27 11.21
N LEU A 27 9.83 -9.24 12.50
CA LEU A 27 9.85 -10.44 13.38
C LEU A 27 8.46 -10.95 13.57
N LYS A 28 7.53 -10.04 13.80
CA LYS A 28 6.13 -10.41 13.98
C LYS A 28 5.49 -10.94 12.66
N LEU A 29 5.95 -10.44 11.52
CA LEU A 29 5.51 -10.97 10.22
C LEU A 29 5.87 -12.46 10.09
N ARG A 30 7.11 -12.77 10.44
CA ARG A 30 7.64 -14.11 10.45
C ARG A 30 6.83 -15.00 11.41
N GLU A 31 6.40 -14.41 12.51
CA GLU A 31 5.70 -15.08 13.61
C GLU A 31 4.23 -15.43 13.31
N ASP A 32 3.51 -14.52 12.66
CA ASP A 32 2.12 -14.74 12.32
C ASP A 32 1.94 -15.22 10.86
N ASP A 33 2.93 -16.00 10.42
CA ASP A 33 2.99 -16.77 9.15
C ASP A 33 1.67 -17.42 8.65
N GLU A 34 0.84 -17.88 9.58
CA GLU A 34 -0.31 -18.74 9.27
C GLU A 34 -1.56 -17.99 8.79
N ALA A 35 -1.63 -16.70 9.10
CA ALA A 35 -2.86 -15.91 8.86
C ALA A 35 -3.30 -15.92 7.38
N ASP A 36 -4.60 -15.72 7.17
CA ASP A 36 -5.24 -15.78 5.84
C ASP A 36 -4.86 -17.01 5.00
N ASN A 37 -4.91 -18.18 5.64
CA ASN A 37 -4.47 -19.41 4.98
C ASN A 37 -2.98 -19.44 4.58
N TYR A 38 -2.10 -19.02 5.50
CA TYR A 38 -0.64 -18.98 5.23
C TYR A 38 -0.19 -17.92 4.19
N ILE A 39 -1.03 -16.92 3.96
CA ILE A 39 -0.64 -15.70 3.23
C ILE A 39 0.18 -14.78 4.15
N GLY A 40 -0.22 -14.66 5.41
CA GLY A 40 0.52 -13.81 6.37
C GLY A 40 -0.10 -12.42 6.49
N TYR A 41 0.56 -11.55 7.25
CA TYR A 41 0.07 -10.20 7.41
C TYR A 41 0.76 -9.19 6.47
N GLY A 42 1.68 -9.68 5.64
CA GLY A 42 2.35 -8.84 4.65
C GLY A 42 1.39 -7.96 3.86
N PRO A 43 0.51 -8.60 3.09
CA PRO A 43 -0.35 -7.84 2.21
C PRO A 43 -1.26 -6.85 2.89
N VAL A 44 -1.85 -7.24 4.02
CA VAL A 44 -2.78 -6.33 4.67
C VAL A 44 -2.02 -5.08 5.18
N LEU A 45 -0.73 -5.22 5.45
CA LEU A 45 0.06 -4.09 5.95
C LEU A 45 0.43 -3.16 4.78
N VAL A 46 0.70 -3.76 3.63
CA VAL A 46 0.89 -3.03 2.41
C VAL A 46 -0.40 -2.27 2.11
N ARG A 47 -1.53 -2.94 2.22
CA ARG A 47 -2.80 -2.27 1.96
C ARG A 47 -3.15 -1.20 3.00
N LEU A 48 -2.70 -1.41 4.25
CA LEU A 48 -3.02 -0.44 5.30
C LEU A 48 -2.27 0.84 5.02
N ALA A 49 -0.98 0.73 4.72
CA ALA A 49 -0.14 1.89 4.31
C ALA A 49 -0.69 2.66 3.12
N TRP A 50 -1.15 1.96 2.09
CA TRP A 50 -1.73 2.62 0.93
C TRP A 50 -3.03 3.32 1.26
N HIS A 51 -3.86 2.68 2.05
CA HIS A 51 -5.14 3.33 2.38
C HIS A 51 -5.05 4.51 3.34
N THR A 52 -4.07 4.46 4.24
CA THR A 52 -3.90 5.56 5.18
C THR A 52 -3.21 6.76 4.42
N SER A 53 -2.56 6.48 3.29
CA SER A 53 -1.92 7.51 2.45
C SER A 53 -2.81 8.02 1.34
N GLY A 54 -3.66 7.12 0.85
CA GLY A 54 -4.46 7.34 -0.34
C GLY A 54 -5.71 8.19 -0.23
N THR A 55 -6.02 8.65 0.99
CA THR A 55 -7.03 9.71 1.26
C THR A 55 -6.52 11.11 0.84
N TRP A 56 -5.23 11.26 0.58
CA TRP A 56 -4.70 12.58 0.22
C TRP A 56 -5.44 13.29 -0.95
N ASP A 57 -5.70 14.59 -0.78
CA ASP A 57 -6.14 15.41 -1.91
C ASP A 57 -5.11 16.45 -2.18
N LYS A 58 -4.54 16.44 -3.40
CA LYS A 58 -3.52 17.42 -3.77
C LYS A 58 -4.07 18.84 -3.77
N HIS A 59 -5.39 19.00 -3.97
CA HIS A 59 -5.99 20.31 -4.08
C HIS A 59 -5.92 21.10 -2.77
N ASP A 60 -6.18 20.46 -1.65
CA ASP A 60 -6.18 21.20 -0.38
C ASP A 60 -5.30 20.61 0.70
N ASN A 61 -4.49 19.61 0.34
CA ASN A 61 -3.64 18.89 1.29
C ASN A 61 -4.38 18.23 2.45
N THR A 62 -5.68 17.95 2.29
CA THR A 62 -6.41 17.18 3.32
C THR A 62 -6.09 15.67 3.16
N GLY A 63 -6.35 14.88 4.22
CA GLY A 63 -6.02 13.46 4.26
C GLY A 63 -4.54 13.16 4.21
N GLY A 64 -4.19 11.97 3.70
CA GLY A 64 -2.77 11.59 3.57
C GLY A 64 -2.18 10.98 4.84
N SER A 65 -0.97 10.44 4.71
CA SER A 65 -0.33 9.69 5.78
C SER A 65 0.05 10.49 7.04
N TYR A 66 0.21 11.80 6.93
CA TYR A 66 0.86 12.61 7.99
C TYR A 66 0.15 12.47 9.33
N GLY A 67 -1.18 12.51 9.32
CA GLY A 67 -2.00 12.72 10.51
C GLY A 67 -2.29 11.48 11.34
N GLY A 68 -2.13 10.31 10.69
CA GLY A 68 -2.33 9.00 11.31
C GLY A 68 -3.77 8.84 11.75
N THR A 69 -4.69 9.35 10.94
CA THR A 69 -6.10 9.60 11.31
C THR A 69 -6.93 8.33 11.29
N TYR A 70 -6.32 7.27 10.77
CA TYR A 70 -6.98 5.98 10.66
C TYR A 70 -7.33 5.49 12.08
N ARG A 71 -6.64 6.00 13.09
CA ARG A 71 -6.88 5.59 14.47
C ARG A 71 -8.23 6.08 14.99
N PHE A 72 -8.84 7.02 14.27
CA PHE A 72 -10.17 7.55 14.61
C PHE A 72 -11.28 6.79 13.91
N LYS A 73 -12.41 6.65 14.60
CA LYS A 73 -13.50 5.76 14.19
C LYS A 73 -14.08 6.01 12.79
N LYS A 74 -14.07 7.27 12.33
CA LYS A 74 -14.66 7.57 11.02
C LYS A 74 -13.84 6.95 9.89
N GLU A 75 -12.51 7.04 10.03
CA GLU A 75 -11.59 6.43 9.06
C GLU A 75 -11.45 4.91 9.20
N PHE A 76 -11.38 4.40 10.44
CA PHE A 76 -11.29 2.93 10.58
C PHE A 76 -12.57 2.18 10.22
N ASN A 77 -13.70 2.88 10.28
CA ASN A 77 -15.00 2.34 9.83
C ASN A 77 -15.34 2.61 8.38
N ASP A 78 -14.47 3.33 7.67
CA ASP A 78 -14.63 3.49 6.22
C ASP A 78 -14.90 2.13 5.60
N PRO A 79 -16.09 1.95 4.94
CA PRO A 79 -16.35 0.68 4.22
C PRO A 79 -15.14 0.25 3.34
N SER A 80 -14.41 1.21 2.77
CA SER A 80 -13.29 0.91 1.89
C SER A 80 -12.17 0.30 2.68
N ASN A 81 -12.12 0.61 3.97
CA ASN A 81 -11.12 0.03 4.85
C ASN A 81 -11.47 -1.31 5.52
N ALA A 82 -12.62 -1.89 5.18
CA ALA A 82 -13.03 -3.21 5.75
C ALA A 82 -11.86 -4.20 5.69
N GLY A 83 -11.52 -4.78 6.82
CA GLY A 83 -10.47 -5.78 6.87
C GLY A 83 -9.21 -5.23 7.52
N LEU A 84 -8.99 -3.92 7.36
CA LEU A 84 -7.71 -3.31 7.71
C LEU A 84 -7.52 -3.23 9.19
N GLN A 85 -8.61 -3.47 9.93
CA GLN A 85 -8.55 -3.58 11.42
C GLN A 85 -7.58 -4.63 11.89
N ASN A 86 -7.37 -5.64 11.04
CA ASN A 86 -6.37 -6.72 11.25
C ASN A 86 -4.92 -6.24 11.19
N GLY A 87 -4.68 -5.33 10.24
CA GLY A 87 -3.43 -4.61 10.15
C GLY A 87 -3.19 -3.75 11.38
N PHE A 88 -4.21 -3.01 11.78
CA PHE A 88 -4.14 -2.21 13.01
C PHE A 88 -3.80 -3.05 14.21
N LYS A 89 -4.51 -4.18 14.35
CA LYS A 89 -4.38 -5.07 15.50
C LYS A 89 -2.98 -5.66 15.57
N PHE A 90 -2.49 -6.05 14.40
CA PHE A 90 -1.13 -6.50 14.25
C PHE A 90 -0.08 -5.46 14.74
N LEU A 91 -0.28 -4.19 14.41
CA LEU A 91 0.67 -3.11 14.75
C LEU A 91 0.52 -2.61 16.19
N GLU A 92 -0.61 -2.94 16.82
CA GLU A 92 -0.83 -2.65 18.25
C GLU A 92 0.30 -3.02 19.22
N PRO A 93 0.74 -4.30 19.25
CA PRO A 93 1.90 -4.60 20.08
C PRO A 93 3.21 -3.95 19.67
N ILE A 94 3.39 -3.71 18.38
CA ILE A 94 4.53 -2.88 17.93
C ILE A 94 4.44 -1.48 18.55
N HIS A 95 3.30 -0.85 18.45
CA HIS A 95 3.13 0.49 19.01
C HIS A 95 3.29 0.53 20.56
N LYS A 96 2.87 -0.53 21.24
CA LYS A 96 3.10 -0.59 22.69
C LYS A 96 4.59 -0.83 23.02
N GLU A 97 5.34 -1.45 22.13
CA GLU A 97 6.77 -1.63 22.35
C GLU A 97 7.54 -0.33 22.05
N PHE A 98 7.05 0.45 21.10
CA PHE A 98 7.75 1.66 20.65
C PHE A 98 6.74 2.80 20.66
N PRO A 99 6.37 3.27 21.87
CA PRO A 99 5.25 4.21 21.96
C PRO A 99 5.66 5.62 21.52
N TRP A 100 6.96 5.89 21.38
CA TRP A 100 7.47 7.17 20.88
C TRP A 100 7.15 7.44 19.39
N ILE A 101 6.88 6.38 18.61
CA ILE A 101 6.60 6.56 17.17
C ILE A 101 5.20 7.09 16.91
N SER A 102 5.05 8.07 16.01
CA SER A 102 3.73 8.59 15.67
C SER A 102 2.94 7.53 14.93
N SER A 103 1.62 7.69 14.88
CA SER A 103 0.75 6.73 14.20
C SER A 103 0.98 6.68 12.71
N GLY A 104 1.20 7.84 12.08
CA GLY A 104 1.42 7.93 10.61
C GLY A 104 2.69 7.25 10.20
N ASP A 105 3.74 7.45 11.02
CA ASP A 105 5.03 6.81 10.85
C ASP A 105 4.91 5.31 10.98
N LEU A 106 4.16 4.85 12.00
CA LEU A 106 3.94 3.41 12.21
C LEU A 106 3.19 2.72 11.03
N PHE A 107 2.10 3.33 10.58
CA PHE A 107 1.26 2.74 9.53
C PHE A 107 2.02 2.68 8.22
N SER A 108 2.80 3.72 7.94
CA SER A 108 3.55 3.81 6.68
C SER A 108 4.81 2.92 6.74
N LEU A 109 5.49 2.89 7.89
CA LEU A 109 6.59 1.96 8.11
C LEU A 109 6.14 0.48 8.00
N GLY A 110 4.91 0.20 8.45
CA GLY A 110 4.36 -1.14 8.34
C GLY A 110 4.32 -1.59 6.88
N GLY A 111 4.04 -0.66 5.96
CA GLY A 111 3.88 -0.93 4.54
C GLY A 111 5.24 -1.22 3.93
N VAL A 112 6.22 -0.36 4.23
CA VAL A 112 7.65 -0.51 3.86
C VAL A 112 8.28 -1.81 4.30
N THR A 113 8.12 -2.13 5.60
CA THR A 113 8.65 -3.35 6.16
C THR A 113 8.06 -4.55 5.42
N ALA A 114 6.74 -4.57 5.23
CA ALA A 114 6.03 -5.65 4.55
C ALA A 114 6.61 -5.93 3.18
N VAL A 115 6.85 -4.88 2.38
CA VAL A 115 7.33 -5.02 0.99
C VAL A 115 8.72 -5.58 0.93
N GLN A 116 9.60 -5.01 1.77
CA GLN A 116 11.00 -5.38 1.78
C GLN A 116 11.16 -6.83 2.24
N GLU A 117 10.38 -7.18 3.26
CA GLU A 117 10.40 -8.48 3.92
C GLU A 117 9.74 -9.58 3.06
N MET A 118 8.83 -9.22 2.15
CA MET A 118 8.41 -10.11 1.03
C MET A 118 9.27 -10.07 -0.23
N GLN A 119 10.53 -9.69 -0.08
CA GLN A 119 11.51 -9.61 -1.16
C GLN A 119 11.22 -8.59 -2.28
N GLY A 120 10.44 -7.55 -1.93
CA GLY A 120 10.23 -6.40 -2.79
C GLY A 120 11.42 -5.48 -2.88
N PRO A 121 11.27 -4.35 -3.59
CA PRO A 121 12.41 -3.41 -3.64
C PRO A 121 12.62 -2.76 -2.25
N LYS A 122 13.84 -2.31 -1.98
CA LYS A 122 14.05 -1.26 -0.96
C LYS A 122 13.17 -0.01 -1.23
N ILE A 123 12.49 0.48 -0.17
CA ILE A 123 11.62 1.65 -0.25
C ILE A 123 12.22 2.63 0.76
N PRO A 124 12.96 3.68 0.27
CA PRO A 124 13.44 4.71 1.24
C PRO A 124 12.27 5.26 2.02
N TRP A 125 12.49 5.55 3.30
CA TRP A 125 11.39 5.96 4.17
C TRP A 125 11.81 7.11 5.12
N ARG A 126 10.92 8.06 5.33
CA ARG A 126 11.21 9.22 6.18
C ARG A 126 10.26 9.31 7.36
N CYS A 127 10.86 9.59 8.54
CA CYS A 127 10.17 9.81 9.78
C CYS A 127 9.66 11.27 9.86
N GLY A 128 8.77 11.55 10.82
CA GLY A 128 8.43 12.94 11.06
C GLY A 128 6.98 13.24 10.91
N ARG A 129 6.17 12.23 10.56
CA ARG A 129 4.72 12.39 10.61
C ARG A 129 4.30 12.63 12.09
N VAL A 130 3.26 13.46 12.27
CA VAL A 130 2.79 13.90 13.60
C VAL A 130 1.29 13.70 13.67
N ASP A 131 0.87 12.99 14.71
CA ASP A 131 -0.55 12.79 14.97
C ASP A 131 -1.32 14.11 14.98
N THR A 132 -2.49 14.11 14.35
CA THR A 132 -3.35 15.30 14.27
C THR A 132 -4.71 14.93 14.87
N PRO A 133 -5.48 15.93 15.37
CA PRO A 133 -6.72 15.62 16.10
C PRO A 133 -7.78 14.94 15.24
N GLU A 134 -8.86 14.50 15.89
CA GLU A 134 -9.94 13.80 15.23
C GLU A 134 -10.60 14.63 14.13
N ASP A 135 -10.66 15.94 14.33
CA ASP A 135 -11.40 16.78 13.39
C ASP A 135 -10.69 16.85 12.02
N THR A 136 -9.44 16.39 11.98
CA THR A 136 -8.64 16.34 10.74
C THR A 136 -8.82 15.05 9.92
N THR A 137 -9.46 14.03 10.51
CA THR A 137 -9.85 12.80 9.79
C THR A 137 -10.67 13.12 8.54
N PRO A 138 -10.22 12.62 7.38
CA PRO A 138 -10.93 12.82 6.13
C PRO A 138 -12.16 11.92 6.09
N ASP A 139 -13.21 12.42 5.44
CA ASP A 139 -14.44 11.69 5.24
C ASP A 139 -14.19 10.45 4.40
N ASN A 140 -15.06 9.46 4.55
CA ASN A 140 -15.07 8.27 3.70
C ASN A 140 -15.31 8.63 2.22
N GLY A 141 -14.90 7.72 1.35
CA GLY A 141 -15.25 7.83 -0.08
C GLY A 141 -14.09 8.36 -0.88
N ARG A 142 -12.94 8.55 -0.27
CA ARG A 142 -11.82 9.09 -1.01
C ARG A 142 -10.91 8.02 -1.67
N LEU A 143 -11.08 6.76 -1.29
CA LEU A 143 -10.27 5.69 -1.85
C LEU A 143 -11.04 5.14 -3.08
N PRO A 144 -10.35 4.44 -3.98
CA PRO A 144 -11.07 4.10 -5.24
C PRO A 144 -12.09 2.92 -5.24
N ASP A 145 -13.00 3.02 -6.20
CA ASP A 145 -13.93 1.98 -6.60
C ASP A 145 -13.25 0.96 -7.49
N ALA A 146 -13.55 -0.31 -7.25
CA ALA A 146 -13.03 -1.41 -8.05
C ALA A 146 -13.78 -1.70 -9.36
N ASP A 147 -15.03 -1.30 -9.44
CA ASP A 147 -15.92 -1.72 -10.53
C ASP A 147 -15.89 -0.70 -11.65
N LYS A 148 -14.71 -0.19 -11.95
CA LYS A 148 -14.59 0.94 -12.89
C LYS A 148 -13.63 0.64 -14.03
N ASP A 149 -13.50 1.56 -14.97
CA ASP A 149 -12.63 1.37 -16.13
C ASP A 149 -11.35 2.25 -16.09
N ALA A 150 -10.52 2.14 -17.12
CA ALA A 150 -9.28 2.88 -17.22
C ALA A 150 -9.38 4.41 -17.08
N ASP A 151 -10.47 4.98 -17.61
CA ASP A 151 -10.68 6.43 -17.57
C ASP A 151 -10.87 6.87 -16.11
N TYR A 152 -11.68 6.13 -15.38
CA TYR A 152 -11.83 6.31 -13.93
C TYR A 152 -10.47 6.26 -13.18
N VAL A 153 -9.71 5.18 -13.42
CA VAL A 153 -8.42 4.97 -12.75
C VAL A 153 -7.52 6.16 -12.97
N ARG A 154 -7.37 6.57 -14.23
CA ARG A 154 -6.45 7.67 -14.61
C ARG A 154 -6.85 8.99 -13.89
N THR A 155 -8.16 9.26 -13.82
CA THR A 155 -8.72 10.47 -13.20
C THR A 155 -8.58 10.43 -11.69
N PHE A 156 -9.04 9.31 -11.09
CA PHE A 156 -8.86 9.09 -9.69
C PHE A 156 -7.44 9.45 -9.23
N PHE A 157 -6.41 8.92 -9.92
CA PHE A 157 -5.05 9.01 -9.43
C PHE A 157 -4.40 10.37 -9.69
N GLN A 158 -4.94 11.11 -10.64
CA GLN A 158 -4.59 12.55 -10.74
C GLN A 158 -4.72 13.32 -9.41
N ARG A 159 -5.68 12.92 -8.57
CA ARG A 159 -5.86 13.61 -7.28
C ARG A 159 -4.72 13.31 -6.31
N LEU A 160 -4.04 12.20 -6.56
CA LEU A 160 -2.86 11.80 -5.81
C LEU A 160 -1.57 12.22 -6.51
N ASN A 161 -1.74 13.03 -7.56
CA ASN A 161 -0.59 13.50 -8.39
C ASN A 161 0.26 12.34 -8.91
N MET A 162 -0.43 11.31 -9.37
CA MET A 162 0.22 10.11 -9.90
C MET A 162 -0.09 10.09 -11.38
N ASN A 163 0.93 9.90 -12.20
CA ASN A 163 0.81 9.84 -13.68
C ASN A 163 0.61 8.39 -14.12
N ASP A 164 0.65 8.10 -15.43
CA ASP A 164 0.34 6.74 -15.89
C ASP A 164 1.35 5.71 -15.36
N ARG A 165 2.64 5.98 -15.52
CA ARG A 165 3.63 5.05 -15.02
C ARG A 165 3.46 4.79 -13.54
N GLU A 166 3.13 5.83 -12.78
CA GLU A 166 3.10 5.66 -11.33
C GLU A 166 1.91 4.77 -10.96
N VAL A 167 0.82 4.94 -11.68
CA VAL A 167 -0.42 4.15 -11.46
C VAL A 167 -0.17 2.66 -11.77
N VAL A 168 0.26 2.37 -12.99
CA VAL A 168 0.61 0.98 -13.35
C VAL A 168 1.62 0.33 -12.37
N ALA A 169 2.66 1.07 -11.96
CA ALA A 169 3.63 0.59 -10.95
C ALA A 169 2.99 0.24 -9.62
N LEU A 170 2.21 1.17 -9.05
CA LEU A 170 1.58 0.98 -7.73
C LEU A 170 0.59 -0.19 -7.77
N MET A 171 -0.13 -0.34 -8.87
CA MET A 171 -1.05 -1.46 -9.01
C MET A 171 -0.40 -2.87 -9.01
N GLY A 172 0.90 -2.97 -9.35
CA GLY A 172 1.60 -4.22 -9.16
C GLY A 172 1.59 -4.76 -7.73
N ALA A 173 1.21 -3.91 -6.76
CA ALA A 173 0.98 -4.42 -5.38
C ALA A 173 -0.12 -5.49 -5.34
N HIS A 174 -0.88 -5.61 -6.43
CA HIS A 174 -1.90 -6.67 -6.53
C HIS A 174 -1.29 -8.03 -6.90
N ALA A 175 0.03 -8.11 -6.90
CA ALA A 175 0.68 -9.38 -6.82
C ALA A 175 0.51 -9.97 -5.41
N LEU A 176 0.14 -9.13 -4.45
CA LEU A 176 0.02 -9.53 -3.06
C LEU A 176 -1.39 -9.86 -2.60
N GLY A 177 -1.48 -10.98 -1.87
CA GLY A 177 -2.68 -11.38 -1.17
C GLY A 177 -3.86 -11.60 -2.11
N LYS A 178 -5.04 -11.17 -1.68
CA LYS A 178 -6.28 -11.64 -2.31
C LYS A 178 -7.45 -10.70 -1.97
N THR A 179 -8.56 -10.85 -2.70
CA THR A 179 -9.83 -10.22 -2.33
C THR A 179 -10.63 -11.22 -1.44
N HIS A 180 -11.40 -10.69 -0.48
CA HIS A 180 -12.26 -11.44 0.44
C HIS A 180 -13.70 -10.97 0.24
N LEU A 181 -14.60 -11.91 -0.07
CA LEU A 181 -15.96 -11.50 -0.46
C LEU A 181 -16.61 -10.66 0.63
N LYS A 182 -16.40 -11.05 1.89
CA LYS A 182 -16.92 -10.36 3.06
C LYS A 182 -16.37 -8.91 3.26
N ARG A 183 -15.23 -8.62 2.64
CA ARG A 183 -14.56 -7.32 2.86
C ARG A 183 -14.88 -6.30 1.76
N SER A 184 -14.87 -6.76 0.52
CA SER A 184 -14.93 -5.89 -0.66
C SER A 184 -16.01 -6.24 -1.67
N GLY A 185 -16.56 -7.45 -1.55
CA GLY A 185 -17.52 -7.91 -2.55
C GLY A 185 -16.81 -8.60 -3.69
N TYR A 186 -15.53 -8.91 -3.51
CA TYR A 186 -14.77 -9.68 -4.50
C TYR A 186 -14.08 -10.84 -3.83
N GLU A 187 -13.85 -11.91 -4.59
CA GLU A 187 -13.27 -13.09 -3.98
C GLU A 187 -12.19 -13.80 -4.80
N GLY A 188 -11.02 -14.00 -4.18
CA GLY A 188 -9.97 -14.83 -4.81
C GLY A 188 -8.55 -14.28 -4.75
N PRO A 189 -7.52 -15.15 -4.90
CA PRO A 189 -6.15 -14.65 -4.98
C PRO A 189 -5.89 -13.93 -6.28
N PHE A 190 -5.10 -12.84 -6.22
CA PHE A 190 -4.70 -12.12 -7.44
C PHE A 190 -3.76 -12.98 -8.29
N GLY A 191 -2.88 -13.73 -7.62
CA GLY A 191 -1.93 -14.60 -8.31
C GLY A 191 -1.45 -15.81 -7.53
N ALA A 192 -0.31 -16.34 -7.98
CA ALA A 192 0.26 -17.56 -7.43
C ALA A 192 0.98 -17.31 -6.13
N ALA A 193 1.98 -16.41 -6.16
CA ALA A 193 2.82 -16.11 -4.99
C ALA A 193 2.26 -14.93 -4.21
N ASN A 194 1.44 -15.23 -3.21
CA ASN A 194 0.57 -14.28 -2.53
C ASN A 194 1.25 -13.34 -1.49
N ASN A 195 2.44 -13.73 -1.05
CA ASN A 195 3.21 -12.99 -0.02
C ASN A 195 4.69 -12.88 -0.43
N VAL A 196 4.92 -12.94 -1.72
CA VAL A 196 6.22 -12.67 -2.29
C VAL A 196 5.98 -11.61 -3.36
N PHE A 197 6.75 -10.55 -3.27
CA PHE A 197 6.60 -9.37 -4.11
C PHE A 197 7.37 -9.56 -5.41
N THR A 198 6.65 -9.78 -6.51
CA THR A 198 7.27 -9.85 -7.81
C THR A 198 6.46 -8.99 -8.79
N ASN A 199 6.87 -9.04 -10.05
CA ASN A 199 6.16 -8.43 -11.18
C ASN A 199 5.12 -9.38 -11.79
N GLU A 200 4.73 -10.39 -11.02
CA GLU A 200 3.83 -11.42 -11.48
C GLU A 200 2.44 -10.84 -11.88
N PHE A 201 2.07 -9.69 -11.34
CA PHE A 201 0.78 -9.04 -11.69
C PHE A 201 0.66 -8.74 -13.20
N TYR A 202 1.70 -8.17 -13.78
CA TYR A 202 1.80 -7.85 -15.20
C TYR A 202 1.87 -9.07 -16.08
N LEU A 203 2.71 -10.04 -15.67
CA LEU A 203 2.88 -11.30 -16.39
C LEU A 203 1.54 -12.05 -16.43
N ASN A 204 0.87 -12.15 -15.31
CA ASN A 204 -0.44 -12.81 -15.29
C ASN A 204 -1.50 -12.14 -16.11
N LEU A 205 -1.57 -10.80 -16.04
CA LEU A 205 -2.49 -10.05 -16.88
C LEU A 205 -2.25 -10.39 -18.34
N LEU A 206 -0.99 -10.44 -18.75
CA LEU A 206 -0.71 -10.74 -20.14
C LEU A 206 -0.88 -12.23 -20.56
N ASN A 207 -0.52 -13.15 -19.66
CA ASN A 207 -0.31 -14.57 -20.04
C ASN A 207 -1.43 -15.53 -19.70
N GLU A 208 -2.24 -15.18 -18.71
CA GLU A 208 -3.35 -16.04 -18.32
C GLU A 208 -4.55 -15.88 -19.29
N ASP A 209 -5.53 -16.77 -19.17
CA ASP A 209 -6.78 -16.62 -19.91
C ASP A 209 -7.90 -16.17 -19.00
N TRP A 210 -8.38 -14.96 -19.23
CA TRP A 210 -9.26 -14.30 -18.27
C TRP A 210 -10.66 -14.36 -18.81
N LYS A 211 -11.62 -14.51 -17.91
CA LYS A 211 -13.02 -14.51 -18.28
C LYS A 211 -13.81 -13.70 -17.29
N LEU A 212 -14.57 -12.74 -17.82
CA LEU A 212 -15.38 -11.87 -16.99
C LEU A 212 -16.63 -12.59 -16.55
N GLU A 213 -16.85 -12.59 -15.24
CA GLU A 213 -17.89 -13.39 -14.60
C GLU A 213 -18.51 -12.59 -13.49
N LYS A 214 -19.73 -12.96 -13.07
CA LYS A 214 -20.27 -12.44 -11.83
C LYS A 214 -19.89 -13.36 -10.64
N ASN A 215 -19.40 -12.75 -9.56
CA ASN A 215 -19.02 -13.53 -8.40
C ASN A 215 -20.26 -13.75 -7.51
N ASP A 216 -20.08 -14.37 -6.34
CA ASP A 216 -21.16 -14.61 -5.37
C ASP A 216 -21.77 -13.39 -4.62
N ALA A 217 -21.25 -12.17 -4.84
CA ALA A 217 -21.93 -10.97 -4.38
C ALA A 217 -22.49 -10.16 -5.55
N ASN A 218 -22.57 -10.78 -6.71
CA ASN A 218 -23.15 -10.17 -7.91
C ASN A 218 -22.36 -8.98 -8.44
N ASN A 219 -21.04 -9.07 -8.32
CA ASN A 219 -20.12 -8.05 -8.82
C ASN A 219 -19.32 -8.70 -9.89
N GLU A 220 -18.91 -7.93 -10.89
CA GLU A 220 -18.01 -8.45 -11.93
C GLU A 220 -16.50 -8.51 -11.57
N GLN A 221 -15.86 -9.64 -11.94
CA GLN A 221 -14.41 -9.80 -11.86
C GLN A 221 -13.93 -10.69 -12.97
N TRP A 222 -12.68 -10.51 -13.34
CA TRP A 222 -12.04 -11.32 -14.35
C TRP A 222 -11.43 -12.53 -13.67
N ASP A 223 -11.77 -13.70 -14.19
CA ASP A 223 -11.38 -14.95 -13.55
C ASP A 223 -10.48 -15.72 -14.52
N SER A 224 -9.36 -16.24 -14.03
CA SER A 224 -8.46 -16.95 -14.96
C SER A 224 -8.67 -18.47 -14.88
N LYS A 225 -8.26 -19.19 -15.93
CA LYS A 225 -8.31 -20.66 -15.96
C LYS A 225 -7.50 -21.29 -14.81
N SER A 226 -6.48 -20.56 -14.37
CA SER A 226 -5.54 -20.93 -13.31
C SER A 226 -6.07 -20.71 -11.91
N GLY A 227 -7.21 -20.04 -11.80
CA GLY A 227 -7.82 -19.81 -10.51
C GLY A 227 -7.50 -18.48 -9.84
N TYR A 228 -6.99 -17.52 -10.62
CA TYR A 228 -6.67 -16.17 -10.11
C TYR A 228 -7.86 -15.27 -10.43
N MET A 229 -7.91 -14.09 -9.83
CA MET A 229 -8.88 -13.07 -10.23
C MET A 229 -8.20 -11.70 -10.41
N MET A 230 -8.84 -10.87 -11.23
CA MET A 230 -8.50 -9.46 -11.32
C MET A 230 -9.76 -8.64 -11.16
N LEU A 231 -9.58 -7.45 -10.58
CA LEU A 231 -10.68 -6.48 -10.47
C LEU A 231 -10.90 -5.86 -11.82
N PRO A 232 -12.10 -5.35 -12.09
CA PRO A 232 -12.26 -4.55 -13.33
C PRO A 232 -11.19 -3.40 -13.49
N THR A 233 -10.83 -2.71 -12.41
CA THR A 233 -9.81 -1.65 -12.47
C THR A 233 -8.42 -2.27 -12.81
N ASP A 234 -8.13 -3.47 -12.30
CA ASP A 234 -6.87 -4.20 -12.64
C ASP A 234 -6.82 -4.50 -14.14
N TYR A 235 -7.88 -5.12 -14.63
CA TYR A 235 -7.93 -5.54 -16.02
C TYR A 235 -7.90 -4.33 -16.99
N SER A 236 -8.41 -3.19 -16.55
CA SER A 236 -8.41 -1.95 -17.36
C SER A 236 -7.01 -1.54 -17.83
N LEU A 237 -5.97 -1.95 -17.08
CA LEU A 237 -4.55 -1.68 -17.42
C LEU A 237 -4.09 -2.36 -18.73
N ILE A 238 -4.85 -3.35 -19.19
CA ILE A 238 -4.55 -3.90 -20.52
C ILE A 238 -5.60 -3.52 -21.58
N GLN A 239 -6.71 -2.91 -21.16
CA GLN A 239 -7.77 -2.44 -22.07
C GLN A 239 -7.43 -1.04 -22.63
N ASP A 240 -6.77 -0.24 -21.80
CA ASP A 240 -6.26 1.06 -22.19
C ASP A 240 -4.89 0.88 -22.85
N PRO A 241 -4.71 1.47 -24.07
CA PRO A 241 -3.45 1.24 -24.79
C PRO A 241 -2.18 1.85 -24.17
N LYS A 242 -2.33 2.95 -23.44
CA LYS A 242 -1.16 3.63 -22.79
C LYS A 242 -0.70 2.75 -21.59
N TYR A 243 -1.68 2.32 -20.78
CA TYR A 243 -1.45 1.42 -19.67
C TYR A 243 -0.86 0.08 -20.12
N LEU A 244 -1.41 -0.47 -21.21
CA LEU A 244 -0.98 -1.73 -21.79
C LEU A 244 0.51 -1.72 -22.08
N SER A 245 1.00 -0.62 -22.62
CA SER A 245 2.39 -0.52 -22.98
C SER A 245 3.23 -0.59 -21.73
N ILE A 246 2.75 0.03 -20.64
CA ILE A 246 3.57 0.07 -19.40
C ILE A 246 3.52 -1.29 -18.70
N VAL A 247 2.34 -1.92 -18.72
CA VAL A 247 2.15 -3.30 -18.26
C VAL A 247 3.17 -4.27 -18.90
N LYS A 248 3.37 -4.13 -20.22
CA LYS A 248 4.28 -4.95 -21.02
C LYS A 248 5.74 -4.69 -20.66
N GLU A 249 6.02 -3.43 -20.35
CA GLU A 249 7.36 -3.03 -19.94
C GLU A 249 7.69 -3.68 -18.59
N TYR A 250 6.79 -3.58 -17.62
CA TYR A 250 7.02 -4.20 -16.31
C TYR A 250 7.05 -5.73 -16.38
N ALA A 251 6.27 -6.34 -17.28
CA ALA A 251 6.22 -7.78 -17.42
C ALA A 251 7.57 -8.28 -17.95
N ASN A 252 8.29 -7.40 -18.61
CA ASN A 252 9.49 -7.75 -19.34
C ASN A 252 10.76 -7.20 -18.68
N ASP A 253 10.59 -6.55 -17.54
CA ASP A 253 11.73 -5.95 -16.82
C ASP A 253 11.48 -5.84 -15.31
N GLN A 254 11.84 -6.90 -14.58
CA GLN A 254 11.60 -6.95 -13.11
C GLN A 254 12.31 -5.79 -12.37
N ASP A 255 13.52 -5.48 -12.78
CA ASP A 255 14.31 -4.41 -12.15
C ASP A 255 13.72 -2.99 -12.31
N ARG A 256 13.25 -2.69 -13.51
CA ARG A 256 12.57 -1.44 -13.74
C ARG A 256 11.27 -1.38 -12.96
N PHE A 257 10.57 -2.50 -12.88
CA PHE A 257 9.35 -2.47 -12.12
C PHE A 257 9.65 -2.19 -10.61
N PHE A 258 10.62 -2.91 -10.06
CA PHE A 258 11.07 -2.65 -8.66
C PHE A 258 11.46 -1.17 -8.41
N LYS A 259 12.34 -0.64 -9.27
CA LYS A 259 12.72 0.75 -9.21
C LYS A 259 11.52 1.73 -9.21
N ASP A 260 10.58 1.54 -10.18
CA ASP A 260 9.51 2.45 -10.35
C ASP A 260 8.57 2.35 -9.19
N PHE A 261 8.26 1.13 -8.76
CA PHE A 261 7.39 0.95 -7.62
C PHE A 261 7.95 1.58 -6.34
N SER A 262 9.22 1.34 -6.04
CA SER A 262 9.87 2.00 -4.89
C SER A 262 9.63 3.56 -4.87
N LYS A 263 9.87 4.21 -6.01
CA LYS A 263 9.71 5.66 -6.17
C LYS A 263 8.27 6.09 -5.93
N ALA A 264 7.30 5.38 -6.54
CA ALA A 264 5.90 5.71 -6.45
C ALA A 264 5.27 5.46 -5.07
N PHE A 265 5.73 4.40 -4.43
CA PHE A 265 5.30 4.03 -3.13
C PHE A 265 5.91 4.98 -2.10
N GLU A 266 7.19 5.38 -2.24
CA GLU A 266 7.69 6.39 -1.33
C GLU A 266 6.87 7.67 -1.52
N LYS A 267 6.59 7.99 -2.77
CA LYS A 267 5.89 9.25 -3.09
C LYS A 267 4.49 9.29 -2.50
N LEU A 268 3.79 8.15 -2.64
CA LEU A 268 2.43 7.97 -2.09
C LEU A 268 2.41 8.19 -0.57
N LEU A 269 3.37 7.55 0.12
CA LEU A 269 3.56 7.67 1.59
C LEU A 269 4.07 9.05 2.09
N GLU A 270 4.63 9.86 1.17
CA GLU A 270 5.10 11.19 1.50
C GLU A 270 4.24 12.36 1.02
N ASN A 271 3.16 12.06 0.26
CA ASN A 271 2.35 13.11 -0.31
C ASN A 271 1.76 13.94 0.85
N GLY A 272 1.89 15.26 0.74
CA GLY A 272 1.25 16.18 1.70
C GLY A 272 2.16 16.62 2.81
N ILE A 273 3.35 16.03 2.87
CA ILE A 273 4.29 16.32 3.94
C ILE A 273 5.40 17.27 3.47
N THR A 274 5.62 18.35 4.22
CA THR A 274 6.77 19.18 3.99
C THR A 274 7.91 18.75 4.89
N PHE A 275 9.03 18.42 4.25
CA PHE A 275 10.25 18.09 4.95
C PHE A 275 11.20 19.30 4.97
N PRO A 276 11.65 19.70 6.17
CA PRO A 276 12.62 20.80 6.27
C PRO A 276 13.97 20.51 5.61
N LYS A 277 14.64 21.58 5.16
CA LYS A 277 15.95 21.47 4.52
C LYS A 277 16.87 20.64 5.38
N ASP A 278 16.75 20.79 6.69
CA ASP A 278 17.66 20.17 7.66
C ASP A 278 17.18 18.77 8.14
N ALA A 279 16.04 18.29 7.61
CA ALA A 279 15.53 16.94 7.95
C ALA A 279 16.51 15.84 7.62
N PRO A 280 16.48 14.73 8.35
CA PRO A 280 17.38 13.67 7.88
C PRO A 280 17.06 13.20 6.43
N SER A 281 18.07 12.71 5.73
CA SER A 281 17.89 11.97 4.50
C SER A 281 17.00 10.73 4.74
N PRO A 282 16.27 10.28 3.70
CA PRO A 282 15.48 9.03 3.88
C PRO A 282 16.33 7.85 4.34
N PHE A 283 15.72 6.99 5.14
CA PHE A 283 16.35 5.81 5.68
C PHE A 283 16.09 4.64 4.73
N ILE A 284 17.11 3.82 4.47
CA ILE A 284 16.90 2.55 3.76
C ILE A 284 17.19 1.49 4.79
N PHE A 285 16.13 0.82 5.24
CA PHE A 285 16.28 -0.23 6.22
C PHE A 285 16.82 -1.56 5.69
N LYS A 286 17.68 -2.16 6.50
CA LYS A 286 18.13 -3.55 6.30
C LYS A 286 16.99 -4.54 6.57
N THR A 287 16.82 -5.54 5.70
CA THR A 287 15.90 -6.67 6.04
C THR A 287 16.50 -7.47 7.21
N LEU A 288 15.67 -8.24 7.91
CA LEU A 288 16.18 -9.28 8.85
C LEU A 288 17.25 -10.14 8.20
N GLU A 289 16.95 -10.62 7.02
CA GLU A 289 17.91 -11.43 6.29
C GLU A 289 19.27 -10.75 6.15
N GLU A 290 19.30 -9.46 5.82
CA GLU A 290 20.57 -8.72 5.66
C GLU A 290 21.27 -8.46 7.02
N GLN A 291 20.48 -8.45 8.09
CA GLN A 291 21.05 -8.33 9.43
C GLN A 291 21.49 -9.67 10.04
N GLY A 292 21.06 -10.76 9.41
CA GLY A 292 21.29 -12.12 9.90
C GLY A 292 20.32 -12.48 11.03
N LEU A 293 19.15 -11.86 11.02
CA LEU A 293 18.23 -11.98 12.15
C LEU A 293 16.99 -12.77 11.76
C1 ASC B . -2.99 -10.31 4.71
C2 ASC B . -4.06 -10.80 3.88
C3 ASC B . -5.11 -10.52 4.64
C4 ASC B . -4.80 -10.24 6.10
C5 ASC B . -5.17 -11.32 7.12
C6 ASC B . -6.34 -10.96 8.01
O1 ASC B . -1.91 -10.02 4.39
O2 ASC B . -3.97 -11.42 2.65
O3 ASC B . -6.32 -10.39 4.22
O4 ASC B . -3.40 -10.16 6.08
O5 ASC B . -4.07 -11.50 8.00
O6 ASC B . -6.41 -11.87 9.12
CHA HEM C . -6.66 -5.65 -2.20
CHB HEM C . -9.12 -2.38 -4.77
CHC HEM C . -4.94 -0.08 -5.71
CHD HEM C . -2.67 -2.84 -2.40
C1A HEM C . -7.70 -4.98 -2.79
C2A HEM C . -9.11 -5.30 -2.68
C3A HEM C . -9.81 -4.40 -3.40
C4A HEM C . -8.84 -3.48 -3.98
CMA HEM C . -11.34 -4.29 -3.64
CAA HEM C . -9.64 -6.50 -1.86
CBA HEM C . -9.85 -6.09 -0.39
CGA HEM C . -10.20 -7.36 0.33
O1A HEM C . -11.27 -7.91 -0.03
O2A HEM C . -9.42 -7.85 1.20
C1B HEM C . -8.18 -1.52 -5.30
C2B HEM C . -8.43 -0.53 -6.31
C3B HEM C . -7.29 0.12 -6.59
C4B HEM C . -6.25 -0.47 -5.76
CMB HEM C . -9.81 -0.27 -6.97
CAB HEM C . -7.08 1.29 -7.60
CBB HEM C . -7.66 1.45 -8.80
C1C HEM C . -3.97 -0.52 -4.80
C2C HEM C . -2.66 0.07 -4.53
C3C HEM C . -2.05 -0.71 -3.60
C4C HEM C . -2.94 -1.81 -3.29
CMC HEM C . -2.15 1.39 -5.16
CAC HEM C . -0.66 -0.60 -2.88
CBC HEM C . 0.40 -0.02 -3.48
C1D HEM C . -3.48 -3.89 -2.11
C2D HEM C . -3.10 -5.11 -1.43
C3D HEM C . -4.35 -5.96 -1.37
C4D HEM C . -5.37 -5.22 -2.03
CMD HEM C . -1.73 -5.51 -0.85
CAD HEM C . -4.43 -7.36 -0.72
CBD HEM C . -4.63 -7.20 0.78
CGD HEM C . -4.98 -8.53 1.42
O1D HEM C . -5.66 -8.48 2.49
O2D HEM C . -4.58 -9.61 0.93
NA HEM C . -7.57 -3.85 -3.57
NB HEM C . -6.84 -1.48 -4.98
NC HEM C . -4.07 -1.65 -4.04
ND HEM C . -4.83 -3.98 -2.44
FE HEM C . -5.77 -2.78 -3.84
#